data_2PFW
#
_entry.id   2PFW
#
_cell.length_a   58.500
_cell.length_b   73.140
_cell.length_c   73.130
_cell.angle_alpha   90.000
_cell.angle_beta   90.000
_cell.angle_gamma   90.000
#
_symmetry.space_group_name_H-M   'P 21 21 21'
#
loop_
_entity.id
_entity.type
_entity.pdbx_description
1 polymer 'Cupin 2, conserved barrel domain protein'
2 non-polymer 1,2-ETHANEDIOL
3 water water
#
_entity_poly.entity_id   1
_entity_poly.type   'polypeptide(L)'
_entity_poly.pdbx_seq_one_letter_code
;G(MSE)QQSEHFSFGEQTEIEDIGGGLKRQ(MSE)LGFNHEL(MSE)AVKIWFDKGAEGYVHAHRHSQVSYVVEGEFHVN
VDGVIKVLTAGDSFFVPPHVDHGAVCPTGGILIDTFSPAREDFVEGLS
;
_entity_poly.pdbx_strand_id   A,B
#
loop_
_chem_comp.id
_chem_comp.type
_chem_comp.name
_chem_comp.formula
EDO non-polymer 1,2-ETHANEDIOL 'C2 H6 O2'
#
# COMPACT_ATOMS: atom_id res chain seq x y z
N MSE A 2 -15.78 2.50 -11.49
CA MSE A 2 -15.52 3.52 -12.51
C MSE A 2 -14.26 3.21 -13.31
O MSE A 2 -13.68 4.14 -13.78
CB MSE A 2 -15.40 4.92 -11.89
CG MSE A 2 -14.15 5.14 -11.03
SE MSE A 2 -14.16 6.78 -9.94
CE MSE A 2 -13.93 5.90 -8.30
N GLN A 3 -13.90 1.95 -13.42
CA GLN A 3 -12.78 1.56 -14.28
C GLN A 3 -11.45 1.89 -13.61
N GLN A 4 -11.20 3.17 -13.35
CA GLN A 4 -10.01 3.53 -12.57
C GLN A 4 -10.21 4.85 -11.85
N SER A 5 -9.26 5.19 -10.99
CA SER A 5 -9.35 6.43 -10.20
C SER A 5 -8.57 7.55 -10.87
N GLU A 6 -8.81 8.79 -10.45
CA GLU A 6 -7.91 9.91 -10.69
C GLU A 6 -6.47 9.49 -10.44
N HIS A 7 -5.51 10.18 -11.05
CA HIS A 7 -4.11 9.85 -10.84
C HIS A 7 -3.62 10.33 -9.46
N PHE A 8 -4.36 11.26 -8.87
CA PHE A 8 -4.00 11.84 -7.59
C PHE A 8 -5.15 11.75 -6.61
N SER A 9 -4.84 11.43 -5.33
CA SER A 9 -5.88 11.51 -4.31
C SER A 9 -5.36 12.21 -3.06
N PHE A 10 -6.15 13.12 -2.54
CA PHE A 10 -5.89 13.85 -1.31
C PHE A 10 -6.72 13.30 -0.16
N GLY A 11 -6.06 12.82 0.88
CA GLY A 11 -6.71 12.19 2.02
C GLY A 11 -7.83 13.03 2.60
N GLU A 12 -7.73 14.36 2.47
CA GLU A 12 -8.68 15.27 3.08
C GLU A 12 -9.92 15.49 2.21
N GLN A 13 -9.93 14.99 0.97
CA GLN A 13 -11.15 15.17 0.18
C GLN A 13 -11.87 13.84 -0.08
N THR A 14 -11.13 12.77 -0.36
CA THR A 14 -11.78 11.51 -0.74
C THR A 14 -12.72 11.05 0.38
N GLU A 15 -13.95 10.67 0.05
CA GLU A 15 -14.89 10.31 1.10
C GLU A 15 -14.36 9.12 1.90
N ILE A 16 -14.54 9.20 3.22
CA ILE A 16 -14.34 8.04 4.09
C ILE A 16 -15.70 7.37 4.33
N GLU A 17 -15.80 6.11 3.92
CA GLU A 17 -17.08 5.41 3.80
C GLU A 17 -17.27 4.46 4.98
N ASP A 18 -18.36 4.64 5.72
CA ASP A 18 -18.75 3.74 6.79
C ASP A 18 -19.29 2.44 6.21
N ILE A 19 -18.54 1.36 6.38
CA ILE A 19 -18.93 0.07 5.82
C ILE A 19 -19.38 -0.89 6.92
N GLY A 20 -19.74 -0.35 8.07
CA GLY A 20 -20.23 -1.13 9.20
C GLY A 20 -19.15 -2.02 9.81
N GLY A 21 -19.47 -2.63 10.94
CA GLY A 21 -18.56 -3.55 11.61
C GLY A 21 -17.44 -2.83 12.32
N GLY A 22 -17.59 -1.52 12.54
CA GLY A 22 -16.57 -0.73 13.20
C GLY A 22 -15.46 -0.33 12.23
N LEU A 23 -15.72 -0.52 10.95
CA LEU A 23 -14.76 -0.30 9.88
C LEU A 23 -15.12 0.92 9.04
N LYS A 24 -14.11 1.68 8.65
CA LYS A 24 -14.24 2.79 7.73
C LYS A 24 -13.23 2.65 6.59
N ARG A 25 -13.64 2.92 5.35
CA ARG A 25 -12.77 2.61 4.21
C ARG A 25 -12.58 3.84 3.31
N GLN A 26 -11.35 4.07 2.87
CA GLN A 26 -11.06 5.12 1.92
C GLN A 26 -10.26 4.60 0.72
N MSE A 27 -10.75 4.88 -0.47
CA MSE A 27 -10.01 4.56 -1.69
C MSE A 27 -8.74 5.37 -1.84
O MSE A 27 -8.85 6.56 -1.76
CB MSE A 27 -10.92 4.78 -2.92
CG MSE A 27 -10.29 4.27 -4.23
SE MSE A 27 -9.93 2.33 -4.20
CE MSE A 27 -11.68 1.88 -3.73
N LEU A 28 -7.61 4.73 -2.03
CA LEU A 28 -6.36 5.43 -2.28
C LEU A 28 -6.05 5.50 -3.78
N GLY A 29 -6.46 4.47 -4.52
CA GLY A 29 -6.30 4.46 -5.97
C GLY A 29 -6.52 3.07 -6.53
N PHE A 30 -7.07 2.98 -7.74
CA PHE A 30 -7.38 1.67 -8.31
C PHE A 30 -7.45 1.72 -9.83
N ASN A 31 -7.22 0.59 -10.49
CA ASN A 31 -7.80 0.18 -11.77
C ASN A 31 -8.17 -1.30 -11.73
N HIS A 32 -8.59 -1.84 -12.86
CA HIS A 32 -8.97 -3.22 -13.02
C HIS A 32 -8.02 -4.21 -12.37
N GLU A 33 -6.72 -3.92 -12.25
CA GLU A 33 -5.82 -4.98 -11.82
C GLU A 33 -5.08 -4.64 -10.54
N LEU A 34 -5.29 -3.44 -10.00
CA LEU A 34 -4.58 -3.04 -8.78
C LEU A 34 -5.44 -2.09 -7.97
N MSE A 35 -5.41 -2.20 -6.65
CA MSE A 35 -6.31 -1.39 -5.83
C MSE A 35 -5.83 -1.26 -4.38
O MSE A 35 -5.49 -2.25 -3.82
CB MSE A 35 -7.74 -1.93 -5.87
CG MSE A 35 -8.67 -1.38 -4.78
SE MSE A 35 -10.53 -1.98 -4.88
CE MSE A 35 -11.18 -0.56 -5.89
N ALA A 36 -5.81 -0.04 -3.87
CA ALA A 36 -5.34 0.22 -2.51
C ALA A 36 -6.38 1.05 -1.75
N VAL A 37 -6.74 0.59 -0.55
CA VAL A 37 -7.67 1.34 0.27
C VAL A 37 -7.06 1.57 1.67
N LYS A 38 -7.65 2.50 2.39
CA LYS A 38 -7.34 2.83 3.76
C LYS A 38 -8.52 2.44 4.66
N ILE A 39 -8.23 1.59 5.64
CA ILE A 39 -9.23 1.08 6.56
C ILE A 39 -8.95 1.52 7.99
N TRP A 40 -9.90 2.24 8.60
CA TRP A 40 -9.80 2.61 10.00
C TRP A 40 -10.53 1.59 10.86
N PHE A 41 -9.83 0.98 11.81
CA PHE A 41 -10.48 0.08 12.76
C PHE A 41 -10.86 0.78 14.05
N ASP A 42 -12.13 0.80 14.42
CA ASP A 42 -12.53 1.05 15.80
C ASP A 42 -11.89 0.01 16.72
N LYS A 43 -11.80 0.31 18.02
CA LYS A 43 -11.24 -0.67 18.94
C LYS A 43 -12.03 -1.98 18.85
N GLY A 44 -11.31 -3.08 18.73
CA GLY A 44 -11.85 -4.41 18.63
C GLY A 44 -12.59 -4.69 17.35
N ALA A 45 -12.49 -3.83 16.34
CA ALA A 45 -13.19 -4.13 15.08
C ALA A 45 -12.46 -5.24 14.35
N GLU A 46 -13.13 -5.88 13.40
CA GLU A 46 -12.58 -7.05 12.74
C GLU A 46 -13.10 -7.14 11.30
N GLY A 47 -12.38 -7.81 10.41
CA GLY A 47 -12.96 -8.49 9.24
C GLY A 47 -13.11 -9.98 9.56
N TYR A 48 -14.32 -10.37 9.91
CA TYR A 48 -14.69 -11.75 10.21
C TYR A 48 -14.06 -12.74 9.24
N VAL A 49 -13.68 -13.93 9.69
CA VAL A 49 -12.70 -14.77 9.02
C VAL A 49 -13.16 -15.09 7.59
N HIS A 50 -12.27 -15.04 6.61
CA HIS A 50 -12.49 -14.57 5.25
C HIS A 50 -11.52 -15.17 4.25
N ALA A 51 -11.93 -15.27 2.99
CA ALA A 51 -11.05 -15.69 1.91
C ALA A 51 -11.54 -15.09 0.58
N HIS A 52 -10.62 -14.95 -0.37
CA HIS A 52 -10.99 -14.42 -1.68
C HIS A 52 -9.91 -14.74 -2.70
N ARG A 53 -10.25 -14.63 -3.99
CA ARG A 53 -9.28 -14.97 -5.03
C ARG A 53 -8.14 -13.95 -5.07
N HIS A 54 -8.48 -12.69 -4.86
CA HIS A 54 -7.54 -11.58 -4.99
C HIS A 54 -6.27 -11.79 -4.19
N SER A 55 -5.11 -11.49 -4.76
CA SER A 55 -3.89 -11.41 -3.94
C SER A 55 -4.02 -10.19 -3.02
N GLN A 56 -3.37 -10.22 -1.87
CA GLN A 56 -3.53 -9.12 -0.93
C GLN A 56 -2.21 -8.87 -0.20
N VAL A 57 -1.79 -7.61 -0.18
CA VAL A 57 -0.68 -7.19 0.69
C VAL A 57 -1.19 -6.10 1.61
N SER A 58 -0.84 -6.17 2.89
CA SER A 58 -1.39 -5.24 3.89
C SER A 58 -0.24 -4.64 4.70
N TYR A 59 -0.39 -3.34 5.00
CA TYR A 59 0.60 -2.59 5.77
C TYR A 59 -0.06 -2.00 7.01
N VAL A 60 0.60 -2.11 8.16
CA VAL A 60 0.01 -1.50 9.36
C VAL A 60 0.46 -0.04 9.48
N VAL A 61 -0.48 0.88 9.31
CA VAL A 61 -0.19 2.29 9.48
C VAL A 61 -0.08 2.61 10.96
N GLU A 62 -1.10 2.28 11.75
CA GLU A 62 -0.93 2.32 13.19
C GLU A 62 -1.94 1.44 13.93
N GLY A 63 -1.57 1.03 15.13
CA GLY A 63 -2.41 0.22 16.00
C GLY A 63 -1.85 -1.18 16.15
N GLU A 64 -2.45 -1.99 17.01
CA GLU A 64 -1.95 -3.36 17.21
C GLU A 64 -2.93 -4.33 16.53
N PHE A 65 -2.39 -5.13 15.62
CA PHE A 65 -3.22 -6.02 14.82
C PHE A 65 -2.88 -7.48 15.13
N HIS A 66 -3.88 -8.22 15.59
CA HIS A 66 -3.83 -9.67 15.71
C HIS A 66 -4.20 -10.27 14.35
N VAL A 67 -3.23 -10.77 13.61
CA VAL A 67 -3.56 -11.23 12.25
C VAL A 67 -3.37 -12.74 12.12
N ASN A 68 -4.41 -13.39 11.56
CA ASN A 68 -4.30 -14.81 11.23
C ASN A 68 -4.15 -14.97 9.71
N VAL A 69 -3.05 -15.56 9.28
CA VAL A 69 -2.90 -16.05 7.92
C VAL A 69 -2.59 -17.54 7.89
N ASP A 70 -3.52 -18.32 7.33
CA ASP A 70 -3.28 -19.74 7.09
C ASP A 70 -2.99 -20.46 8.41
N GLY A 71 -3.61 -19.98 9.48
CA GLY A 71 -3.49 -20.57 10.80
C GLY A 71 -2.29 -20.06 11.57
N VAL A 72 -1.34 -19.41 10.89
CA VAL A 72 -0.25 -18.73 11.60
C VAL A 72 -0.75 -17.43 12.20
N ILE A 73 -0.36 -17.13 13.44
CA ILE A 73 -0.93 -15.97 14.12
C ILE A 73 0.16 -15.07 14.67
N LYS A 74 0.08 -13.77 14.37
CA LYS A 74 1.10 -12.86 14.90
C LYS A 74 0.43 -11.56 15.33
N VAL A 75 1.01 -10.89 16.32
CA VAL A 75 0.58 -9.53 16.66
C VAL A 75 1.41 -8.54 15.85
N LEU A 76 0.75 -7.66 15.13
CA LEU A 76 1.45 -6.72 14.26
C LEU A 76 1.22 -5.28 14.74
N THR A 77 2.27 -4.47 14.62
CA THR A 77 2.18 -3.05 14.94
C THR A 77 2.62 -2.19 13.77
N ALA A 78 2.59 -0.89 13.95
CA ALA A 78 2.96 0.07 12.91
C ALA A 78 4.27 -0.29 12.22
N GLY A 79 4.26 -0.29 10.89
CA GLY A 79 5.43 -0.60 10.09
C GLY A 79 5.50 -2.06 9.68
N ASP A 80 4.59 -2.89 10.17
CA ASP A 80 4.64 -4.32 9.86
C ASP A 80 3.71 -4.59 8.67
N SER A 81 3.87 -5.75 8.04
CA SER A 81 2.93 -6.07 6.95
C SER A 81 2.63 -7.57 6.89
N PHE A 82 1.54 -7.92 6.19
CA PHE A 82 1.31 -9.33 5.88
C PHE A 82 0.87 -9.49 4.41
N PHE A 83 1.03 -10.71 3.93
CA PHE A 83 0.70 -11.14 2.59
C PHE A 83 -0.23 -12.36 2.64
N VAL A 84 -1.35 -12.27 1.94
CA VAL A 84 -2.32 -13.33 1.80
C VAL A 84 -2.39 -13.86 0.38
N PRO A 85 -1.88 -15.06 0.15
CA PRO A 85 -1.98 -15.65 -1.20
C PRO A 85 -3.44 -15.82 -1.60
N PRO A 86 -3.72 -15.95 -2.88
CA PRO A 86 -5.11 -16.18 -3.31
C PRO A 86 -5.71 -17.40 -2.60
N HIS A 87 -6.91 -17.20 -2.10
CA HIS A 87 -7.82 -18.16 -1.50
C HIS A 87 -7.34 -18.63 -0.13
N VAL A 88 -6.30 -18.01 0.41
CA VAL A 88 -5.79 -18.43 1.71
C VAL A 88 -6.65 -17.88 2.83
N ASP A 89 -6.98 -18.73 3.82
CA ASP A 89 -7.78 -18.28 4.96
C ASP A 89 -7.03 -17.23 5.76
N HIS A 90 -7.71 -16.19 6.20
CA HIS A 90 -7.05 -15.15 6.98
C HIS A 90 -8.04 -14.40 7.87
N GLY A 91 -7.53 -13.79 8.95
CA GLY A 91 -8.34 -12.89 9.76
C GLY A 91 -7.52 -11.77 10.37
N ALA A 92 -8.19 -10.68 10.74
CA ALA A 92 -7.54 -9.56 11.42
C ALA A 92 -8.45 -8.91 12.45
N VAL A 93 -7.93 -8.73 13.65
CA VAL A 93 -8.58 -8.07 14.77
C VAL A 93 -7.73 -6.92 15.31
N CYS A 94 -8.35 -5.80 15.65
CA CYS A 94 -7.62 -4.67 16.21
C CYS A 94 -8.18 -4.20 17.54
N PRO A 95 -7.65 -4.70 18.66
CA PRO A 95 -8.21 -4.38 19.97
C PRO A 95 -8.06 -2.91 20.34
N THR A 96 -6.93 -2.31 19.97
CA THR A 96 -6.61 -0.94 20.34
C THR A 96 -7.23 0.07 19.38
N GLY A 97 -7.68 -0.36 18.21
CA GLY A 97 -8.01 0.63 17.16
C GLY A 97 -6.75 0.87 16.34
N GLY A 98 -6.87 1.35 15.11
CA GLY A 98 -5.70 1.39 14.25
C GLY A 98 -6.04 1.69 12.79
N ILE A 99 -5.03 1.60 11.94
CA ILE A 99 -5.19 1.88 10.50
C ILE A 99 -4.36 0.91 9.66
N LEU A 100 -5.00 0.39 8.62
CA LEU A 100 -4.38 -0.54 7.68
C LEU A 100 -4.39 0.04 6.25
N ILE A 101 -3.37 -0.25 5.47
CA ILE A 101 -3.46 -0.11 4.01
C ILE A 101 -3.61 -1.50 3.39
N ASP A 102 -4.78 -1.77 2.83
CA ASP A 102 -5.04 -3.03 2.14
C ASP A 102 -4.89 -2.83 0.64
N THR A 103 -4.02 -3.59 0.01
CA THR A 103 -3.89 -3.59 -1.45
C THR A 103 -4.15 -4.98 -2.02
N PHE A 104 -4.85 -5.01 -3.14
CA PHE A 104 -5.30 -6.24 -3.79
C PHE A 104 -4.93 -6.29 -5.27
N SER A 105 -4.46 -7.44 -5.77
CA SER A 105 -4.42 -7.62 -7.22
C SER A 105 -5.48 -8.63 -7.68
N PRO A 106 -6.49 -8.75 -8.53
CA PRO A 106 -7.46 -7.97 -9.35
C PRO A 106 -7.96 -6.84 -8.45
N ALA A 107 -8.63 -5.83 -8.98
CA ALA A 107 -9.41 -4.96 -8.11
C ALA A 107 -10.52 -5.76 -7.41
N ARG A 108 -10.99 -5.29 -6.28
CA ARG A 108 -12.20 -5.81 -5.65
C ARG A 108 -13.41 -5.06 -6.19
N GLU A 109 -14.21 -5.67 -7.07
CA GLU A 109 -15.34 -4.94 -7.62
C GLU A 109 -16.30 -4.50 -6.52
N ASP A 110 -16.30 -5.20 -5.39
CA ASP A 110 -17.27 -4.89 -4.34
C ASP A 110 -17.07 -3.48 -3.78
N PHE A 111 -15.92 -2.85 -4.02
CA PHE A 111 -15.60 -1.63 -3.29
C PHE A 111 -15.94 -0.36 -4.07
N VAL A 112 -16.33 -0.46 -5.34
CA VAL A 112 -16.26 0.72 -6.21
C VAL A 112 -17.64 1.26 -6.56
N GLU A 113 -18.64 0.72 -5.88
CA GLU A 113 -20.02 1.15 -5.73
C GLU A 113 -20.39 2.37 -6.57
N MSE B 2 12.16 -14.96 -5.93
CA MSE B 2 11.92 -16.00 -4.93
C MSE B 2 10.44 -16.35 -4.81
O MSE B 2 10.04 -16.66 -3.73
CB MSE B 2 12.45 -15.57 -3.55
CG MSE B 2 11.61 -14.49 -2.86
SE MSE B 2 12.31 -13.88 -1.12
CE MSE B 2 10.74 -14.24 -0.16
N GLN B 3 9.71 -16.28 -5.92
CA GLN B 3 8.31 -16.68 -5.94
C GLN B 3 7.43 -15.66 -5.21
N GLN B 4 7.62 -15.56 -3.91
CA GLN B 4 6.75 -14.75 -3.05
C GLN B 4 7.41 -14.55 -1.69
N SER B 5 6.86 -13.65 -0.89
CA SER B 5 7.35 -13.42 0.47
C SER B 5 6.67 -14.34 1.48
N GLU B 6 7.19 -14.38 2.69
CA GLU B 6 6.48 -14.86 3.87
C GLU B 6 5.10 -14.22 3.97
N HIS B 7 4.18 -14.83 4.71
CA HIS B 7 2.85 -14.27 4.92
C HIS B 7 2.89 -13.08 5.90
N PHE B 8 3.97 -12.99 6.67
CA PHE B 8 4.15 -11.95 7.66
C PHE B 8 5.50 -11.27 7.48
N SER B 9 5.53 -9.95 7.62
CA SER B 9 6.82 -9.24 7.52
C SER B 9 6.91 -8.15 8.58
N PHE B 10 8.12 -7.94 9.08
CA PHE B 10 8.35 -7.15 10.29
C PHE B 10 9.28 -5.98 10.00
N GLY B 11 8.80 -4.76 10.25
CA GLY B 11 9.49 -3.53 9.95
C GLY B 11 10.89 -3.47 10.55
N GLU B 12 11.09 -4.05 11.72
CA GLU B 12 12.38 -4.06 12.39
C GLU B 12 13.27 -5.21 11.92
N GLN B 13 12.74 -6.14 11.13
CA GLN B 13 13.57 -7.26 10.70
C GLN B 13 13.85 -7.26 9.21
N THR B 14 12.87 -6.88 8.39
CA THR B 14 13.10 -6.86 6.95
C THR B 14 14.29 -5.96 6.61
N GLU B 15 15.23 -6.50 5.84
CA GLU B 15 16.42 -5.73 5.47
C GLU B 15 16.02 -4.53 4.59
N ILE B 16 16.56 -3.37 4.94
CA ILE B 16 16.28 -2.16 4.16
C ILE B 16 17.47 -1.86 3.25
N GLU B 17 17.20 -1.84 1.96
CA GLU B 17 18.21 -1.83 0.91
C GLU B 17 18.51 -0.41 0.44
N ASP B 18 19.76 0.03 0.62
CA ASP B 18 20.17 1.30 0.04
C ASP B 18 20.27 1.19 -1.48
N ILE B 19 19.36 1.85 -2.19
CA ILE B 19 19.27 1.70 -3.64
C ILE B 19 19.81 2.93 -4.36
N GLY B 20 20.68 3.68 -3.70
CA GLY B 20 21.35 4.81 -4.30
C GLY B 20 20.43 5.98 -4.59
N GLY B 21 21.00 7.16 -4.78
CA GLY B 21 20.24 8.38 -5.01
C GLY B 21 19.53 8.85 -3.75
N GLY B 22 19.94 8.33 -2.60
CA GLY B 22 19.35 8.74 -1.32
C GLY B 22 17.99 8.10 -1.10
N LEU B 23 17.76 7.00 -1.80
CA LEU B 23 16.60 6.14 -1.68
C LEU B 23 16.95 4.84 -0.96
N LYS B 24 16.04 4.37 -0.12
CA LYS B 24 16.15 3.05 0.50
C LYS B 24 14.84 2.28 0.37
N ARG B 25 14.91 0.97 0.16
CA ARG B 25 13.72 0.18 -0.09
C ARG B 25 13.64 -1.02 0.86
N GLN B 26 12.42 -1.30 1.34
CA GLN B 26 12.12 -2.45 2.18
C GLN B 26 10.91 -3.21 1.65
N MSE B 27 11.06 -4.51 1.44
CA MSE B 27 9.95 -5.33 0.93
C MSE B 27 8.85 -5.51 1.97
O MSE B 27 9.20 -5.89 3.04
CB MSE B 27 10.48 -6.70 0.47
CG MSE B 27 9.41 -7.54 -0.22
SE MSE B 27 8.69 -6.74 -1.87
CE MSE B 27 10.38 -6.54 -2.67
N LEU B 28 7.60 -5.24 1.61
CA LEU B 28 6.49 -5.44 2.53
C LEU B 28 5.76 -6.77 2.30
N GLY B 29 5.75 -7.23 1.06
CA GLY B 29 5.14 -8.50 0.70
C GLY B 29 4.85 -8.55 -0.79
N PHE B 30 5.00 -9.72 -1.41
CA PHE B 30 4.73 -9.85 -2.84
C PHE B 30 4.46 -11.29 -3.26
N ASN B 31 3.77 -11.48 -4.37
CA ASN B 31 3.87 -12.64 -5.26
C ASN B 31 3.94 -12.20 -6.71
N HIS B 32 3.71 -13.10 -7.67
CA HIS B 32 3.90 -12.78 -9.07
C HIS B 32 3.04 -11.59 -9.50
N GLU B 33 1.92 -11.33 -8.84
CA GLU B 33 0.94 -10.42 -9.43
C GLU B 33 0.69 -9.18 -8.56
N LEU B 34 1.29 -9.13 -7.38
CA LEU B 34 1.08 -8.02 -6.47
C LEU B 34 2.36 -7.75 -5.67
N MSE B 35 2.65 -6.47 -5.43
CA MSE B 35 3.88 -6.14 -4.69
C MSE B 35 3.78 -4.83 -3.94
O MSE B 35 3.28 -3.90 -4.49
CB MSE B 35 5.08 -6.14 -5.65
CG MSE B 35 6.39 -5.81 -4.92
SE MSE B 35 8.01 -5.89 -6.02
CE MSE B 35 8.50 -7.63 -5.51
N ALA B 36 4.27 -4.81 -2.70
CA ALA B 36 4.23 -3.58 -1.90
C ALA B 36 5.59 -3.35 -1.26
N VAL B 37 6.15 -2.16 -1.47
CA VAL B 37 7.45 -1.82 -0.90
C VAL B 37 7.34 -0.47 -0.19
N LYS B 38 8.28 -0.24 0.72
CA LYS B 38 8.38 1.00 1.47
C LYS B 38 9.65 1.75 1.07
N ILE B 39 9.50 3.00 0.65
CA ILE B 39 10.63 3.78 0.18
C ILE B 39 10.95 4.96 1.10
N TRP B 40 12.18 5.04 1.58
CA TRP B 40 12.63 6.19 2.34
C TRP B 40 13.35 7.19 1.43
N PHE B 41 12.85 8.42 1.34
CA PHE B 41 13.58 9.47 0.63
C PHE B 41 14.41 10.32 1.57
N ASP B 42 15.73 10.39 1.37
CA ASP B 42 16.52 11.45 1.98
C ASP B 42 16.02 12.83 1.55
N LYS B 43 16.32 13.86 2.33
CA LYS B 43 15.89 15.21 1.96
CA LYS B 43 15.95 15.22 1.98
C LYS B 43 16.41 15.55 0.57
N GLY B 44 15.49 15.94 -0.30
CA GLY B 44 15.81 16.33 -1.67
C GLY B 44 16.13 15.17 -2.59
N ALA B 45 16.04 13.92 -2.12
CA ALA B 45 16.32 12.83 -3.06
C ALA B 45 15.21 12.74 -4.10
N GLU B 46 15.47 12.11 -5.25
CA GLU B 46 14.50 12.24 -6.35
C GLU B 46 14.24 10.89 -7.01
N GLY B 47 12.99 10.67 -7.38
CA GLY B 47 12.54 9.54 -8.18
C GLY B 47 12.38 9.99 -9.63
N TYR B 48 13.38 9.67 -10.43
CA TYR B 48 13.45 9.90 -11.86
C TYR B 48 12.08 9.70 -12.52
N VAL B 49 11.69 10.61 -13.41
CA VAL B 49 10.49 10.35 -14.21
C VAL B 49 10.80 9.28 -15.26
N HIS B 50 9.85 8.39 -15.49
CA HIS B 50 10.05 7.05 -16.05
C HIS B 50 8.70 6.34 -16.20
N ALA B 51 8.65 5.30 -17.03
CA ALA B 51 7.39 4.60 -17.24
C ALA B 51 7.58 3.09 -17.20
N HIS B 52 6.50 2.37 -16.95
CA HIS B 52 6.56 0.90 -16.98
C HIS B 52 5.15 0.32 -17.11
N ARG B 53 5.08 -0.95 -17.52
CA ARG B 53 3.79 -1.59 -17.78
C ARG B 53 3.00 -1.76 -16.48
N HIS B 54 3.73 -2.08 -15.42
CA HIS B 54 3.13 -2.33 -14.10
C HIS B 54 2.17 -1.21 -13.71
N SER B 55 0.97 -1.56 -13.25
CA SER B 55 0.11 -0.57 -12.60
C SER B 55 0.79 -0.13 -11.30
N GLN B 56 0.53 1.09 -10.85
CA GLN B 56 1.15 1.53 -9.60
C GLN B 56 0.14 2.31 -8.76
N VAL B 57 0.03 1.95 -7.48
CA VAL B 57 -0.71 2.82 -6.55
C VAL B 57 0.19 3.11 -5.36
N SER B 58 0.22 4.39 -4.97
CA SER B 58 1.23 4.87 -4.01
C SER B 58 0.53 5.64 -2.89
N TYR B 59 1.09 5.55 -1.70
CA TYR B 59 0.54 6.19 -0.51
C TYR B 59 1.64 6.97 0.22
N VAL B 60 1.34 8.21 0.62
CA VAL B 60 2.40 8.99 1.30
C VAL B 60 2.26 8.84 2.81
N VAL B 61 3.23 8.15 3.40
CA VAL B 61 3.24 7.89 4.83
C VAL B 61 3.59 9.17 5.58
N GLU B 62 4.70 9.80 5.22
CA GLU B 62 5.02 11.12 5.75
C GLU B 62 6.04 11.84 4.88
N GLY B 63 6.02 13.16 4.93
CA GLY B 63 6.92 14.01 4.16
C GLY B 63 6.16 14.90 3.20
N GLU B 64 6.85 15.76 2.47
CA GLU B 64 6.19 16.54 1.41
C GLU B 64 6.71 16.05 0.06
N PHE B 65 5.81 15.60 -0.80
CA PHE B 65 6.22 15.09 -2.11
C PHE B 65 5.69 15.98 -3.23
N HIS B 66 6.58 16.38 -4.14
CA HIS B 66 6.22 16.89 -5.45
C HIS B 66 6.06 15.67 -6.38
N VAL B 67 4.83 15.30 -6.72
CA VAL B 67 4.67 14.10 -7.55
C VAL B 67 4.17 14.43 -8.96
N ASN B 68 4.88 13.92 -9.94
CA ASN B 68 4.54 14.00 -11.36
C ASN B 68 3.88 12.70 -11.83
N VAL B 69 2.66 12.80 -12.33
CA VAL B 69 2.01 11.74 -13.09
C VAL B 69 1.47 12.30 -14.40
N ASP B 70 1.98 11.80 -15.51
CA ASP B 70 1.51 12.25 -16.82
C ASP B 70 1.72 13.76 -16.97
N GLY B 71 2.80 14.26 -16.41
CA GLY B 71 3.22 15.64 -16.51
C GLY B 71 2.52 16.57 -15.54
N VAL B 72 1.47 16.10 -14.88
CA VAL B 72 0.78 16.94 -13.89
C VAL B 72 1.50 16.83 -12.56
N ILE B 73 1.74 17.94 -11.88
CA ILE B 73 2.61 17.91 -10.70
C ILE B 73 1.84 18.40 -9.48
N LYS B 74 1.88 17.64 -8.38
CA LYS B 74 1.10 18.04 -7.21
C LYS B 74 1.95 17.84 -5.95
N VAL B 75 1.70 18.68 -4.95
CA VAL B 75 2.37 18.54 -3.66
C VAL B 75 1.55 17.58 -2.80
N LEU B 76 2.17 16.49 -2.40
CA LEU B 76 1.51 15.45 -1.62
C LEU B 76 2.18 15.36 -0.24
N THR B 77 1.36 15.20 0.78
CA THR B 77 1.80 15.02 2.16
C THR B 77 1.11 13.80 2.77
N ALA B 78 1.39 13.53 4.03
CA ALA B 78 0.96 12.32 4.70
C ALA B 78 -0.54 12.06 4.52
N GLY B 79 -0.88 10.87 4.04
CA GLY B 79 -2.26 10.47 3.87
C GLY B 79 -2.78 10.61 2.46
N ASP B 80 -1.99 11.19 1.55
CA ASP B 80 -2.47 11.38 0.18
C ASP B 80 -1.93 10.24 -0.68
N SER B 81 -2.47 10.06 -1.89
CA SER B 81 -1.97 8.95 -2.70
C SER B 81 -1.99 9.27 -4.20
N PHE B 82 -1.27 8.47 -4.99
CA PHE B 82 -1.40 8.61 -6.45
C PHE B 82 -1.47 7.23 -7.11
N PHE B 83 -2.03 7.25 -8.32
CA PHE B 83 -2.18 6.12 -9.20
C PHE B 83 -1.59 6.44 -10.59
N VAL B 84 -0.67 5.59 -11.01
CA VAL B 84 -0.04 5.61 -12.32
C VAL B 84 -0.53 4.46 -13.20
N PRO B 85 -1.35 4.76 -14.20
CA PRO B 85 -1.66 3.75 -15.21
C PRO B 85 -0.39 3.20 -15.85
N PRO B 86 -0.47 1.99 -16.40
CA PRO B 86 0.67 1.42 -17.11
C PRO B 86 1.19 2.36 -18.19
N HIS B 87 2.51 2.42 -18.31
CA HIS B 87 3.23 3.12 -19.35
C HIS B 87 3.04 4.63 -19.27
N VAL B 88 2.41 5.12 -18.21
CA VAL B 88 2.28 6.57 -18.03
C VAL B 88 3.51 7.15 -17.34
N ASP B 89 3.90 8.37 -17.72
CA ASP B 89 5.08 9.01 -17.12
C ASP B 89 4.82 9.38 -15.67
N HIS B 90 5.78 9.13 -14.79
CA HIS B 90 5.63 9.50 -13.39
C HIS B 90 6.98 9.56 -12.70
N GLY B 91 7.07 10.41 -11.68
CA GLY B 91 8.26 10.50 -10.84
C GLY B 91 7.95 11.30 -9.57
N ALA B 92 8.88 11.33 -8.63
CA ALA B 92 8.63 12.03 -7.38
C ALA B 92 9.91 12.57 -6.75
N VAL B 93 9.86 13.82 -6.30
CA VAL B 93 10.92 14.50 -5.60
C VAL B 93 10.53 14.76 -4.14
N CYS B 94 11.45 14.60 -3.20
CA CYS B 94 11.09 14.83 -1.80
C CYS B 94 11.94 15.89 -1.13
N PRO B 95 11.55 17.16 -1.22
CA PRO B 95 12.38 18.23 -0.69
C PRO B 95 12.67 18.06 0.80
N THR B 96 11.68 17.58 1.55
CA THR B 96 11.80 17.52 3.00
C THR B 96 12.32 16.19 3.52
N GLY B 97 12.45 15.19 2.66
CA GLY B 97 12.77 13.84 3.18
C GLY B 97 11.48 13.20 3.65
N GLY B 98 11.38 11.87 3.72
CA GLY B 98 10.06 11.29 3.93
C GLY B 98 9.93 9.86 3.43
N ILE B 99 8.69 9.38 3.33
CA ILE B 99 8.40 7.96 3.19
C ILE B 99 7.17 7.72 2.31
N LEU B 100 7.31 6.79 1.38
CA LEU B 100 6.29 6.31 0.47
C LEU B 100 6.06 4.80 0.66
N ILE B 101 4.85 4.34 0.39
CA ILE B 101 4.58 2.95 0.04
C ILE B 101 4.18 2.88 -1.44
N ASP B 102 4.92 2.08 -2.21
CA ASP B 102 4.64 1.89 -3.63
C ASP B 102 4.07 0.49 -3.84
N THR B 103 2.92 0.39 -4.47
CA THR B 103 2.32 -0.91 -4.77
C THR B 103 2.15 -1.11 -6.27
N PHE B 104 2.51 -2.30 -6.74
CA PHE B 104 2.56 -2.63 -8.16
C PHE B 104 1.73 -3.87 -8.49
N SER B 105 0.94 -3.84 -9.57
CA SER B 105 0.40 -5.10 -10.07
C SER B 105 1.01 -5.46 -11.44
N PRO B 106 1.65 -6.45 -12.05
CA PRO B 106 2.46 -7.67 -11.80
C PRO B 106 3.43 -7.30 -10.68
N ALA B 107 4.13 -8.25 -10.09
CA ALA B 107 5.22 -7.85 -9.20
C ALA B 107 6.28 -7.10 -9.99
N ARG B 108 7.07 -6.26 -9.33
CA ARG B 108 8.26 -5.70 -9.98
C ARG B 108 9.41 -6.69 -9.89
N GLU B 109 9.62 -7.46 -10.95
CA GLU B 109 10.61 -8.55 -10.88
C GLU B 109 12.01 -7.99 -10.67
N ASP B 110 12.20 -6.73 -11.05
CA ASP B 110 13.46 -6.05 -10.87
C ASP B 110 13.77 -5.77 -9.40
N PHE B 111 12.78 -5.90 -8.51
CA PHE B 111 13.01 -5.55 -7.12
C PHE B 111 13.25 -6.78 -6.25
N VAL B 112 13.27 -7.97 -6.85
CA VAL B 112 13.72 -9.17 -6.15
C VAL B 112 15.07 -9.63 -6.70
C1 EDO C . -7.90 -6.64 5.75
O1 EDO C . -6.52 -7.00 5.93
C2 EDO C . -8.32 -5.68 6.87
O2 EDO C . -9.39 -4.85 6.42
C1 EDO D . 3.53 3.80 -15.75
O1 EDO D . 4.95 3.91 -15.76
C2 EDO D . 3.15 2.62 -14.85
O2 EDO D . 1.98 2.94 -14.08
C1 EDO E . 8.38 6.61 -6.96
O1 EDO E . 6.98 6.95 -6.92
C2 EDO E . 8.81 6.12 -5.59
O2 EDO E . 9.67 4.99 -5.71
C1 EDO F . 5.33 -18.40 6.37
O1 EDO F . 4.81 -17.40 5.49
C2 EDO F . 4.78 -18.22 7.77
O2 EDO F . 3.46 -17.67 7.73
C1 EDO G . 10.25 4.98 9.02
O1 EDO G . 11.30 5.50 9.83
C2 EDO G . 9.35 4.07 9.84
O2 EDO G . 8.01 4.55 9.76
#